data_5V31
#
_entry.id   5V31
#
_cell.length_a   48.630
_cell.length_b   81.910
_cell.length_c   87.160
_cell.angle_alpha   90.000
_cell.angle_beta   90.000
_cell.angle_gamma   90.000
#
_symmetry.space_group_name_H-M   'P 21 21 21'
#
loop_
_entity.id
_entity.type
_entity.pdbx_description
1 polymer '2-oxoglutarate-dependent ethylene/succinate-forming enzyme'
2 non-polymer ARGININE
3 non-polymer 'MANGANESE (II) ION'
4 water water
#
_entity_poly.entity_id   1
_entity_poly.type   'polypeptide(L)'
_entity_poly.pdbx_seq_one_letter_code
;SHMTNLQTFELPTEVTGCAADISLGRALIQAWQKDGIFQIKTDSEQDRKTQEAMAASKQFCKEPLTFKSSCVSDLTYSGY
VASGEEVTAGKPDFPEIFTVCKDLSVGDQRVKAGWPCHGPVPWPNNTYQKSMKTFMEELGLAGERLLKLTALGFELPINT
FTDLTRDGWHHMRVLRFPPQTSTLSRGIGAHTDYGLLVIAAQDDVGGLYIRPPVEGEKRNRNWLPGESSAGMFEHDEPWT
FVTPTPGVWTVFPGDILQFMTGGQLLSTPHKVKLNTRERFACAYFHEPNFEASAYPLFEPSANERIHYGEHFTNMFMRCY
PDRITTQRINKENRLAHLEDLKKYSDTRATGS
;
_entity_poly.pdbx_strand_id   A
#
# COMPACT_ATOMS: atom_id res chain seq x y z
N ASN A 5 -17.69 12.80 -8.62
CA ASN A 5 -16.93 12.23 -9.73
C ASN A 5 -15.44 12.57 -9.58
N LEU A 6 -14.59 11.58 -9.83
CA LEU A 6 -13.19 11.76 -9.53
C LEU A 6 -12.45 12.43 -10.69
N GLN A 7 -11.28 12.97 -10.38
CA GLN A 7 -10.43 13.56 -11.40
C GLN A 7 -9.49 12.50 -11.98
N THR A 8 -9.32 12.54 -13.30
CA THR A 8 -8.45 11.62 -14.01
C THR A 8 -7.36 12.39 -14.75
N PHE A 9 -6.11 11.96 -14.54
CA PHE A 9 -4.93 12.57 -15.13
C PHE A 9 -4.13 11.54 -15.93
N GLU A 10 -3.43 12.02 -16.94
CA GLU A 10 -2.50 11.20 -17.72
C GLU A 10 -1.09 11.58 -17.33
N LEU A 11 -0.35 10.65 -16.89
CA LEU A 11 0.95 11.12 -16.47
C LEU A 11 1.90 11.15 -17.66
N PRO A 12 2.84 12.10 -17.70
CA PRO A 12 3.85 12.07 -18.76
C PRO A 12 4.79 10.90 -18.55
N THR A 13 5.29 10.35 -19.65
CA THR A 13 6.19 9.20 -19.53
C THR A 13 7.35 9.52 -18.60
N GLU A 14 7.98 10.70 -18.76
CA GLU A 14 9.06 11.13 -17.88
C GLU A 14 8.75 12.51 -17.29
N VAL A 15 9.14 12.72 -16.04
CA VAL A 15 8.92 13.98 -15.34
C VAL A 15 10.24 14.71 -15.24
N THR A 16 10.36 15.81 -15.96
CA THR A 16 11.59 16.58 -16.08
C THR A 16 11.59 17.89 -15.28
N GLY A 17 10.43 18.30 -14.76
CA GLY A 17 10.36 19.55 -14.05
C GLY A 17 9.99 20.75 -14.89
N CYS A 18 9.59 20.55 -16.15
CA CYS A 18 9.08 21.64 -16.96
C CYS A 18 7.78 22.19 -16.37
N ALA A 19 7.33 23.34 -16.89
CA ALA A 19 6.20 24.03 -16.28
C ALA A 19 4.91 23.22 -16.35
N ALA A 20 4.73 22.44 -17.42
CA ALA A 20 3.58 21.54 -17.46
C ALA A 20 3.69 20.46 -16.40
N ASP A 21 4.91 19.98 -16.12
CA ASP A 21 5.07 19.04 -15.02
C ASP A 21 4.73 19.72 -13.69
N ILE A 22 5.19 20.96 -13.48
CA ILE A 22 4.89 21.60 -12.21
C ILE A 22 3.39 21.84 -12.09
N SER A 23 2.76 22.28 -13.17
CA SER A 23 1.30 22.42 -13.19
C SER A 23 0.62 21.14 -12.78
N LEU A 24 1.03 20.02 -13.38
CA LEU A 24 0.39 18.74 -13.10
C LEU A 24 0.55 18.36 -11.64
N GLY A 25 1.74 18.55 -11.07
CA GLY A 25 1.90 18.29 -9.64
C GLY A 25 0.97 19.13 -8.78
N ARG A 26 0.81 20.41 -9.14
CA ARG A 26 -0.13 21.28 -8.42
C ARG A 26 -1.54 20.70 -8.43
N ALA A 27 -1.97 20.16 -9.58
CA ALA A 27 -3.33 19.65 -9.70
C ALA A 27 -3.54 18.38 -8.89
N LEU A 28 -2.52 17.50 -8.84
CA LEU A 28 -2.64 16.26 -8.05
C LEU A 28 -2.78 16.57 -6.57
N ILE A 29 -1.94 17.49 -6.07
CA ILE A 29 -2.06 17.90 -4.68
C ILE A 29 -3.46 18.44 -4.41
N GLN A 30 -3.95 19.32 -5.30
CA GLN A 30 -5.28 19.89 -5.11
C GLN A 30 -6.32 18.79 -5.07
N ALA A 31 -6.22 17.83 -5.99
CA ALA A 31 -7.18 16.73 -6.03
C ALA A 31 -7.14 15.96 -4.73
N TRP A 32 -5.93 15.68 -4.22
CA TRP A 32 -5.78 15.02 -2.93
C TRP A 32 -6.37 15.84 -1.79
N GLN A 33 -6.21 17.16 -1.84
CA GLN A 33 -6.70 17.99 -0.75
C GLN A 33 -8.20 18.19 -0.80
N LYS A 34 -8.83 17.95 -1.93
CA LYS A 34 -10.29 18.06 -2.03
C LYS A 34 -10.93 16.67 -1.97
N ASP A 35 -10.55 15.78 -2.88
CA ASP A 35 -11.19 14.47 -2.98
C ASP A 35 -10.46 13.37 -2.21
N GLY A 36 -9.22 13.61 -1.79
CA GLY A 36 -8.43 12.58 -1.11
C GLY A 36 -8.02 11.41 -1.96
N ILE A 37 -8.17 11.52 -3.28
CA ILE A 37 -8.04 10.43 -4.24
C ILE A 37 -8.06 11.01 -5.65
N PHE A 38 -7.41 10.35 -6.59
CA PHE A 38 -7.68 10.63 -7.99
C PHE A 38 -7.30 9.41 -8.82
N GLN A 39 -7.64 9.47 -10.10
CA GLN A 39 -7.40 8.41 -11.05
C GLN A 39 -6.31 8.85 -12.02
N ILE A 40 -5.50 7.89 -12.47
CA ILE A 40 -4.57 8.11 -13.56
C ILE A 40 -4.95 7.18 -14.70
N LYS A 41 -5.01 7.71 -15.92
CA LYS A 41 -5.37 6.91 -17.08
C LYS A 41 -4.26 5.93 -17.42
N THR A 42 -4.64 4.71 -17.76
CA THR A 42 -3.64 3.72 -18.09
C THR A 42 -3.51 3.62 -19.60
N ASP A 43 -2.28 3.32 -20.05
CA ASP A 43 -2.07 3.02 -21.46
C ASP A 43 -2.36 1.54 -21.66
N SER A 44 -2.05 1.03 -22.86
CA SER A 44 -2.45 -0.33 -23.21
C SER A 44 -1.60 -1.36 -22.48
N GLU A 45 -0.30 -1.08 -22.31
CA GLU A 45 0.54 -2.04 -21.61
C GLU A 45 0.21 -2.08 -20.13
N GLN A 46 0.03 -0.91 -19.52
CA GLN A 46 -0.37 -0.87 -18.12
C GLN A 46 -1.67 -1.61 -17.91
N ASP A 47 -2.64 -1.43 -18.81
CA ASP A 47 -3.93 -2.09 -18.65
C ASP A 47 -3.81 -3.59 -18.88
N ARG A 48 -3.10 -4.00 -19.95
CA ARG A 48 -2.90 -5.43 -20.23
C ARG A 48 -2.23 -6.13 -19.05
N LYS A 49 -1.22 -5.50 -18.45
CA LYS A 49 -0.59 -6.12 -17.29
C LYS A 49 -1.51 -6.10 -16.06
N THR A 50 -2.37 -5.10 -15.93
CA THR A 50 -3.36 -5.14 -14.86
C THR A 50 -4.33 -6.30 -15.03
N GLN A 51 -4.84 -6.52 -16.25
CA GLN A 51 -5.77 -7.63 -16.49
C GLN A 51 -5.09 -8.98 -16.28
N GLU A 52 -3.84 -9.13 -16.74
CA GLU A 52 -3.10 -10.36 -16.51
C GLU A 52 -2.95 -10.64 -15.02
N ALA A 53 -2.64 -9.61 -14.24
CA ALA A 53 -2.51 -9.80 -12.79
C ALA A 53 -3.83 -10.24 -12.17
N MET A 54 -4.94 -9.62 -12.57
CA MET A 54 -6.23 -10.05 -12.07
C MET A 54 -6.50 -11.50 -12.46
N ALA A 55 -6.30 -11.83 -13.75
CA ALA A 55 -6.51 -13.20 -14.22
C ALA A 55 -5.68 -14.19 -13.43
N ALA A 56 -4.43 -13.82 -13.11
CA ALA A 56 -3.59 -14.69 -12.29
C ALA A 56 -4.18 -14.82 -10.90
N SER A 57 -4.73 -13.73 -10.36
CA SER A 57 -5.29 -13.75 -9.02
C SER A 57 -6.46 -14.72 -8.92
N LYS A 58 -7.46 -14.59 -9.82
CA LYS A 58 -8.62 -15.49 -9.77
C LYS A 58 -8.20 -16.93 -9.89
N GLN A 59 -7.20 -17.21 -10.73
CA GLN A 59 -6.72 -18.58 -10.89
C GLN A 59 -6.14 -19.10 -9.58
N PHE A 60 -5.28 -18.32 -8.95
CA PHE A 60 -4.70 -18.72 -7.66
C PHE A 60 -5.79 -18.97 -6.62
N CYS A 61 -6.83 -18.13 -6.61
CA CYS A 61 -7.84 -18.25 -5.57
C CYS A 61 -8.74 -19.48 -5.74
N LYS A 62 -8.85 -20.03 -6.95
CA LYS A 62 -9.58 -21.27 -7.14
C LYS A 62 -8.86 -22.46 -6.50
N GLU A 63 -7.59 -22.31 -6.14
CA GLU A 63 -6.86 -23.44 -5.62
C GLU A 63 -7.33 -23.78 -4.22
N PRO A 64 -7.25 -25.04 -3.82
CA PRO A 64 -7.73 -25.41 -2.49
C PRO A 64 -6.97 -24.67 -1.41
N LEU A 65 -7.64 -24.49 -0.27
CA LEU A 65 -7.08 -23.66 0.78
C LEU A 65 -5.71 -24.17 1.24
N THR A 66 -5.52 -25.51 1.25
CA THR A 66 -4.24 -26.06 1.72
C THR A 66 -3.10 -25.62 0.84
N PHE A 67 -3.30 -25.61 -0.48
CA PHE A 67 -2.26 -25.11 -1.35
C PHE A 67 -2.01 -23.63 -1.08
N LYS A 68 -3.06 -22.81 -1.09
CA LYS A 68 -2.90 -21.37 -0.86
C LYS A 68 -2.23 -21.11 0.50
N SER A 69 -2.65 -21.83 1.54
CA SER A 69 -1.99 -21.68 2.84
C SER A 69 -0.52 -22.08 2.80
N SER A 70 -0.12 -22.94 1.85
CA SER A 70 1.28 -23.35 1.79
C SER A 70 2.21 -22.21 1.35
N CYS A 71 1.68 -21.18 0.68
CA CYS A 71 2.47 -20.04 0.20
C CYS A 71 2.64 -19.01 1.31
N VAL A 72 3.43 -19.38 2.32
N VAL A 72 3.44 -19.38 2.32
CA VAL A 72 3.72 -18.55 3.47
CA VAL A 72 3.69 -18.55 3.51
C VAL A 72 5.23 -18.56 3.71
C VAL A 72 5.16 -18.67 3.89
N SER A 73 5.69 -17.63 4.54
CA SER A 73 7.10 -17.51 4.87
C SER A 73 7.29 -17.00 6.29
N ASP A 74 8.28 -17.55 6.98
CA ASP A 74 8.62 -17.05 8.30
C ASP A 74 9.72 -15.99 8.24
N LEU A 75 10.23 -15.72 7.04
CA LEU A 75 11.19 -14.65 6.84
C LEU A 75 10.51 -13.37 6.40
N THR A 76 9.60 -13.47 5.43
CA THR A 76 8.90 -12.33 4.87
C THR A 76 7.41 -12.51 5.08
N TYR A 77 6.71 -11.37 5.06
CA TYR A 77 5.26 -11.36 5.11
C TYR A 77 4.62 -11.57 3.75
N SER A 78 5.42 -11.81 2.70
CA SER A 78 4.85 -12.09 1.39
C SER A 78 4.11 -13.42 1.41
N GLY A 79 3.05 -13.51 0.62
CA GLY A 79 2.30 -14.76 0.58
C GLY A 79 0.85 -14.64 0.98
N TYR A 80 0.25 -15.76 1.35
CA TYR A 80 -1.20 -15.88 1.42
C TYR A 80 -1.73 -15.47 2.79
N VAL A 81 -2.86 -14.77 2.77
CA VAL A 81 -3.67 -14.46 3.93
C VAL A 81 -5.04 -15.10 3.70
N ALA A 82 -5.45 -15.97 4.62
CA ALA A 82 -6.75 -16.58 4.44
C ALA A 82 -7.85 -15.57 4.76
N SER A 83 -8.99 -15.76 4.12
CA SER A 83 -10.17 -15.01 4.49
C SER A 83 -10.38 -15.14 5.99
N GLY A 84 -10.35 -14.02 6.70
CA GLY A 84 -10.53 -14.02 8.13
C GLY A 84 -9.25 -13.97 8.94
N GLU A 85 -8.09 -14.05 8.30
CA GLU A 85 -6.83 -14.08 9.05
C GLU A 85 -6.39 -12.68 9.46
N GLU A 86 -6.53 -11.69 8.58
CA GLU A 86 -6.07 -10.34 8.91
C GLU A 86 -6.99 -9.71 9.96
N VAL A 87 -6.40 -8.94 10.87
CA VAL A 87 -7.10 -8.25 11.94
C VAL A 87 -7.01 -6.75 11.68
N THR A 88 -8.16 -6.07 11.67
CA THR A 88 -8.22 -4.63 11.55
C THR A 88 -9.08 -4.11 12.69
N ALA A 89 -8.50 -3.25 13.53
CA ALA A 89 -9.22 -2.63 14.65
C ALA A 89 -9.86 -3.68 15.56
N GLY A 90 -9.19 -4.82 15.70
CA GLY A 90 -9.67 -5.90 16.54
C GLY A 90 -10.60 -6.86 15.85
N LYS A 91 -10.98 -6.60 14.60
CA LYS A 91 -11.94 -7.43 13.90
C LYS A 91 -11.29 -8.08 12.68
N PRO A 92 -11.65 -9.31 12.34
CA PRO A 92 -11.03 -9.94 11.17
C PRO A 92 -11.62 -9.40 9.88
N ASP A 93 -10.74 -9.08 8.94
CA ASP A 93 -11.15 -8.76 7.58
C ASP A 93 -11.41 -10.05 6.81
N PHE A 94 -12.22 -9.94 5.76
CA PHE A 94 -12.55 -11.22 5.16
C PHE A 94 -12.03 -11.49 3.74
N PRO A 95 -11.09 -10.72 3.16
CA PRO A 95 -10.59 -11.10 1.84
C PRO A 95 -9.52 -12.16 1.94
N GLU A 96 -9.28 -12.82 0.82
CA GLU A 96 -8.05 -13.59 0.67
C GLU A 96 -7.03 -12.67 0.03
N ILE A 97 -5.79 -12.75 0.49
CA ILE A 97 -4.76 -11.84 0.02
C ILE A 97 -3.52 -12.63 -0.36
N PHE A 98 -2.85 -12.17 -1.42
CA PHE A 98 -1.47 -12.56 -1.65
C PHE A 98 -0.65 -11.29 -1.63
N THR A 99 0.21 -11.17 -0.63
CA THR A 99 1.11 -10.04 -0.50
C THR A 99 2.40 -10.35 -1.22
N VAL A 100 2.87 -9.40 -2.02
CA VAL A 100 4.16 -9.48 -2.69
C VAL A 100 5.02 -8.37 -2.14
N CYS A 101 6.07 -8.74 -1.37
CA CYS A 101 7.10 -7.81 -0.95
C CYS A 101 8.35 -8.00 -1.80
N LYS A 102 9.35 -7.13 -1.58
CA LYS A 102 10.66 -7.27 -2.19
C LYS A 102 11.13 -8.72 -2.14
N ASP A 103 11.39 -9.29 -3.31
CA ASP A 103 11.60 -10.74 -3.43
C ASP A 103 13.09 -11.01 -3.28
N LEU A 104 13.51 -11.31 -2.05
CA LEU A 104 14.91 -11.50 -1.71
C LEU A 104 15.20 -12.96 -1.36
N SER A 105 16.18 -13.54 -2.03
CA SER A 105 16.54 -14.93 -1.73
C SER A 105 17.35 -15.02 -0.45
N VAL A 106 17.56 -16.26 -0.01
CA VAL A 106 18.37 -16.55 1.16
C VAL A 106 19.83 -16.17 0.97
N GLY A 107 20.24 -15.92 -0.28
CA GLY A 107 21.56 -15.42 -0.62
C GLY A 107 21.73 -13.92 -0.49
N ASP A 108 20.70 -13.18 -0.10
CA ASP A 108 20.80 -11.74 0.09
C ASP A 108 21.33 -11.44 1.48
N GLN A 109 22.17 -10.40 1.57
CA GLN A 109 22.87 -10.13 2.82
C GLN A 109 21.91 -9.71 3.92
N ARG A 110 20.85 -8.98 3.56
CA ARG A 110 19.83 -8.61 4.54
C ARG A 110 19.14 -9.85 5.08
N VAL A 111 18.83 -10.81 4.20
CA VAL A 111 18.21 -12.05 4.65
C VAL A 111 19.18 -12.83 5.54
N LYS A 112 20.45 -12.92 5.13
CA LYS A 112 21.44 -13.61 5.95
C LYS A 112 21.57 -12.98 7.33
N ALA A 113 21.50 -11.66 7.40
CA ALA A 113 21.62 -10.90 8.63
C ALA A 113 20.35 -10.92 9.48
N GLY A 114 19.30 -11.63 9.05
CA GLY A 114 18.07 -11.73 9.83
C GLY A 114 17.32 -10.43 9.99
N TRP A 115 17.40 -9.54 9.02
CA TRP A 115 16.58 -8.33 9.02
C TRP A 115 15.10 -8.72 8.97
N PRO A 116 14.24 -8.07 9.76
CA PRO A 116 12.84 -8.47 9.79
C PRO A 116 12.15 -8.17 8.47
N CYS A 117 11.23 -9.05 8.09
CA CYS A 117 10.39 -8.96 6.87
C CYS A 117 11.15 -9.23 5.59
N HIS A 118 12.47 -9.41 5.62
CA HIS A 118 13.27 -9.65 4.43
C HIS A 118 13.32 -11.14 4.11
N GLY A 119 12.89 -11.52 2.92
CA GLY A 119 12.79 -12.91 2.54
C GLY A 119 12.17 -13.13 1.17
N PRO A 120 12.10 -14.40 0.76
CA PRO A 120 11.56 -14.72 -0.57
C PRO A 120 10.05 -14.86 -0.62
N VAL A 121 9.48 -14.31 -1.68
CA VAL A 121 8.06 -14.42 -1.96
C VAL A 121 7.71 -15.89 -2.17
N PRO A 122 6.76 -16.43 -1.44
CA PRO A 122 6.34 -17.83 -1.67
C PRO A 122 5.35 -17.96 -2.82
N TRP A 123 5.86 -17.75 -4.03
CA TRP A 123 5.03 -17.69 -5.23
C TRP A 123 4.28 -19.00 -5.43
N PRO A 124 2.99 -18.95 -5.80
CA PRO A 124 2.30 -20.18 -6.15
C PRO A 124 2.88 -20.87 -7.37
N ASN A 125 3.40 -20.10 -8.33
CA ASN A 125 3.98 -20.63 -9.56
C ASN A 125 4.75 -19.51 -10.25
N ASN A 126 5.50 -19.89 -11.28
CA ASN A 126 6.37 -18.92 -11.96
C ASN A 126 5.57 -17.99 -12.88
N THR A 127 4.46 -18.46 -13.45
CA THR A 127 3.61 -17.61 -14.27
C THR A 127 2.97 -16.51 -13.43
N TYR A 128 2.50 -16.85 -12.25
CA TYR A 128 1.98 -15.86 -11.32
C TYR A 128 3.07 -14.87 -10.92
N GLN A 129 4.31 -15.33 -10.74
CA GLN A 129 5.37 -14.41 -10.38
C GLN A 129 5.71 -13.47 -11.54
N LYS A 130 5.72 -13.98 -12.78
CA LYS A 130 5.97 -13.12 -13.94
C LYS A 130 4.93 -12.01 -14.03
N SER A 131 3.65 -12.37 -13.97
CA SER A 131 2.58 -11.39 -14.11
C SER A 131 2.64 -10.34 -13.02
N MET A 132 2.89 -10.77 -11.78
CA MET A 132 2.92 -9.84 -10.66
C MET A 132 4.12 -8.93 -10.75
N LYS A 133 5.27 -9.46 -11.17
CA LYS A 133 6.49 -8.66 -11.23
C LYS A 133 6.42 -7.68 -12.39
N THR A 134 5.79 -8.08 -13.49
CA THR A 134 5.59 -7.20 -14.64
C THR A 134 4.60 -6.09 -14.30
N PHE A 135 3.57 -6.41 -13.53
CA PHE A 135 2.60 -5.40 -13.12
C PHE A 135 3.25 -4.39 -12.18
N MET A 136 4.04 -4.87 -11.21
CA MET A 136 4.63 -3.96 -10.24
C MET A 136 5.73 -3.11 -10.85
N GLU A 137 6.43 -3.59 -11.87
CA GLU A 137 7.41 -2.69 -12.47
C GLU A 137 6.70 -1.52 -13.14
N GLU A 138 5.54 -1.77 -13.74
CA GLU A 138 4.75 -0.69 -14.32
C GLU A 138 4.21 0.24 -13.24
N LEU A 139 3.70 -0.33 -12.15
CA LEU A 139 3.23 0.47 -11.02
C LEU A 139 4.36 1.30 -10.43
N GLY A 140 5.55 0.70 -10.35
CA GLY A 140 6.69 1.43 -9.79
C GLY A 140 7.06 2.63 -10.64
N LEU A 141 7.09 2.45 -11.96
CA LEU A 141 7.35 3.60 -12.84
C LEU A 141 6.33 4.69 -12.58
N ALA A 142 5.05 4.33 -12.44
CA ALA A 142 4.01 5.32 -12.19
C ALA A 142 4.18 5.99 -10.83
N GLY A 143 4.63 5.24 -9.83
CA GLY A 143 4.87 5.84 -8.52
C GLY A 143 5.98 6.86 -8.53
N GLU A 144 7.04 6.61 -9.31
CA GLU A 144 8.15 7.55 -9.38
C GLU A 144 7.75 8.82 -10.12
N ARG A 145 6.95 8.68 -11.19
CA ARG A 145 6.34 9.84 -11.82
C ARG A 145 5.58 10.66 -10.78
N LEU A 146 4.64 10.00 -10.07
CA LEU A 146 3.80 10.66 -9.09
C LEU A 146 4.62 11.35 -8.02
N LEU A 147 5.68 10.69 -7.53
CA LEU A 147 6.48 11.28 -6.46
C LEU A 147 7.23 12.52 -6.94
N LYS A 148 7.67 12.52 -8.20
CA LYS A 148 8.38 13.70 -8.70
C LYS A 148 7.41 14.86 -8.90
N LEU A 149 6.21 14.57 -9.41
CA LEU A 149 5.23 15.63 -9.59
C LEU A 149 4.75 16.19 -8.25
N THR A 150 4.60 15.33 -7.25
CA THR A 150 4.21 15.80 -5.93
C THR A 150 5.23 16.78 -5.38
N ALA A 151 6.52 16.43 -5.45
CA ALA A 151 7.52 17.35 -4.93
C ALA A 151 7.56 18.64 -5.74
N LEU A 152 7.17 18.58 -7.02
CA LEU A 152 7.15 19.80 -7.82
C LEU A 152 5.98 20.69 -7.43
N GLY A 153 4.81 20.09 -7.23
CA GLY A 153 3.67 20.87 -6.78
C GLY A 153 3.90 21.53 -5.43
N PHE A 154 4.77 20.96 -4.59
CA PHE A 154 5.10 21.56 -3.32
C PHE A 154 6.30 22.49 -3.38
N GLU A 155 6.79 22.79 -4.59
CA GLU A 155 7.97 23.66 -4.78
C GLU A 155 9.17 23.11 -4.01
N LEU A 156 9.32 21.81 -4.03
CA LEU A 156 10.43 21.07 -3.48
C LEU A 156 11.33 20.60 -4.60
N PRO A 157 12.61 20.33 -4.32
CA PRO A 157 13.45 19.69 -5.34
C PRO A 157 12.80 18.45 -5.90
N ILE A 158 12.92 18.27 -7.22
CA ILE A 158 12.19 17.23 -7.95
C ILE A 158 12.44 15.85 -7.34
N ASN A 159 13.64 15.61 -6.81
CA ASN A 159 14.02 14.29 -6.32
C ASN A 159 13.76 14.10 -4.83
N THR A 160 13.10 15.09 -4.20
CA THR A 160 12.89 15.05 -2.75
C THR A 160 12.30 13.73 -2.25
N PHE A 161 11.32 13.16 -2.96
CA PHE A 161 10.72 11.90 -2.54
C PHE A 161 11.39 10.70 -3.16
N THR A 162 11.75 10.78 -4.44
CA THR A 162 12.38 9.63 -5.09
C THR A 162 13.69 9.24 -4.41
N ASP A 163 14.39 10.21 -3.80
CA ASP A 163 15.61 9.93 -3.06
C ASP A 163 15.40 8.91 -1.95
N LEU A 164 14.18 8.81 -1.42
CA LEU A 164 13.92 7.88 -0.35
C LEU A 164 13.41 6.55 -0.85
N THR A 165 13.10 6.43 -2.14
CA THR A 165 12.56 5.21 -2.72
C THR A 165 13.56 4.47 -3.59
N ARG A 166 14.84 4.81 -3.50
CA ARG A 166 15.87 3.97 -4.12
C ARG A 166 15.85 2.61 -3.44
N ASP A 167 15.72 1.55 -4.24
CA ASP A 167 15.49 0.20 -3.70
C ASP A 167 14.36 0.21 -2.67
N GLY A 168 13.28 0.93 -3.01
CA GLY A 168 12.18 1.12 -2.07
C GLY A 168 11.52 -0.20 -1.69
N TRP A 169 10.82 -0.17 -0.55
CA TRP A 169 10.13 -1.35 -0.03
C TRP A 169 8.77 -1.56 -0.68
N HIS A 170 8.69 -1.42 -2.01
CA HIS A 170 7.43 -1.54 -2.71
C HIS A 170 6.81 -2.90 -2.53
N HIS A 171 5.50 -2.93 -2.32
CA HIS A 171 4.78 -4.18 -2.15
C HIS A 171 3.36 -3.99 -2.64
N MET A 172 2.65 -5.12 -2.75
CA MET A 172 1.32 -5.12 -3.34
C MET A 172 0.47 -6.17 -2.64
N ARG A 173 -0.78 -5.82 -2.38
CA ARG A 173 -1.76 -6.75 -1.83
C ARG A 173 -2.71 -7.15 -2.95
N VAL A 174 -2.68 -8.42 -3.31
CA VAL A 174 -3.54 -8.99 -4.34
C VAL A 174 -4.75 -9.58 -3.63
N LEU A 175 -5.91 -8.95 -3.79
CA LEU A 175 -7.06 -9.21 -2.93
C LEU A 175 -8.18 -9.91 -3.69
N ARG A 176 -8.87 -10.84 -3.02
CA ARG A 176 -10.13 -11.36 -3.52
C ARG A 176 -11.11 -11.28 -2.36
N PHE A 177 -12.14 -10.44 -2.51
CA PHE A 177 -13.19 -10.33 -1.51
C PHE A 177 -14.31 -11.31 -1.85
N PRO A 178 -14.82 -12.08 -0.89
CA PRO A 178 -15.91 -13.03 -1.19
C PRO A 178 -17.24 -12.31 -1.24
N PRO A 179 -18.25 -12.90 -1.86
CA PRO A 179 -19.59 -12.30 -1.79
C PRO A 179 -20.04 -12.22 -0.34
N GLN A 180 -20.86 -11.21 -0.07
CA GLN A 180 -21.41 -11.15 1.26
C GLN A 180 -22.37 -12.32 1.45
N THR A 181 -21.99 -13.25 2.32
CA THR A 181 -22.78 -14.44 2.61
C THR A 181 -23.30 -14.49 4.03
N SER A 182 -23.03 -13.49 4.86
CA SER A 182 -23.50 -13.46 6.24
C SER A 182 -24.06 -12.07 6.56
N THR A 183 -24.60 -11.95 7.78
CA THR A 183 -24.99 -10.66 8.36
C THR A 183 -23.92 -9.59 8.20
N LEU A 184 -22.64 -9.98 8.16
CA LEU A 184 -21.54 -9.03 8.11
C LEU A 184 -21.21 -8.69 6.66
N SER A 185 -21.31 -7.41 6.32
CA SER A 185 -20.86 -6.92 5.02
C SER A 185 -19.48 -6.30 5.08
N ARG A 186 -18.84 -6.32 6.24
CA ARG A 186 -17.53 -5.72 6.46
C ARG A 186 -16.45 -6.51 5.72
N GLY A 187 -15.92 -5.94 4.65
CA GLY A 187 -14.82 -6.58 3.95
C GLY A 187 -13.51 -6.26 4.64
N ILE A 188 -13.18 -4.97 4.71
CA ILE A 188 -12.03 -4.51 5.46
C ILE A 188 -12.45 -3.25 6.20
N GLY A 189 -12.02 -3.13 7.46
CA GLY A 189 -12.34 -1.96 8.25
C GLY A 189 -11.57 -0.73 7.82
N ALA A 190 -12.07 0.42 8.29
CA ALA A 190 -11.49 1.73 7.97
C ALA A 190 -10.06 1.81 8.47
N HIS A 191 -9.13 2.04 7.54
CA HIS A 191 -7.72 2.04 7.86
C HIS A 191 -7.01 3.04 6.95
N THR A 192 -5.74 3.32 7.27
CA THR A 192 -4.85 4.06 6.39
C THR A 192 -3.67 3.16 6.09
N ASP A 193 -3.11 3.31 4.90
CA ASP A 193 -1.95 2.53 4.52
C ASP A 193 -0.67 3.33 4.83
N TYR A 194 0.48 2.66 4.74
CA TYR A 194 1.63 3.01 5.55
C TYR A 194 2.77 3.73 4.81
N GLY A 195 2.72 3.84 3.49
CA GLY A 195 3.86 4.40 2.79
C GLY A 195 3.63 5.81 2.31
N LEU A 196 4.11 6.11 1.11
CA LEU A 196 3.88 7.39 0.46
C LEU A 196 2.65 7.34 -0.43
N LEU A 197 2.64 6.47 -1.41
CA LEU A 197 1.56 6.32 -2.37
C LEU A 197 0.89 4.96 -2.21
N VAL A 198 -0.41 4.94 -2.44
CA VAL A 198 -1.17 3.72 -2.72
C VAL A 198 -1.74 3.86 -4.12
N ILE A 199 -1.50 2.86 -4.96
CA ILE A 199 -2.02 2.80 -6.33
C ILE A 199 -2.82 1.52 -6.44
N ALA A 200 -4.11 1.63 -6.77
CA ALA A 200 -5.03 0.51 -6.69
C ALA A 200 -5.73 0.30 -8.03
N ALA A 201 -6.01 -0.96 -8.33
CA ALA A 201 -6.79 -1.34 -9.49
C ALA A 201 -7.99 -2.18 -9.04
N GLN A 202 -9.01 -2.22 -9.89
CA GLN A 202 -10.32 -2.64 -9.44
C GLN A 202 -11.00 -3.40 -10.57
N ASP A 203 -11.70 -4.46 -10.20
CA ASP A 203 -12.62 -5.15 -11.09
C ASP A 203 -13.84 -4.26 -11.31
N ASP A 204 -14.88 -4.83 -11.92
CA ASP A 204 -16.15 -4.16 -12.18
C ASP A 204 -17.15 -4.21 -11.03
N VAL A 205 -16.91 -4.99 -9.97
CA VAL A 205 -17.97 -5.19 -8.98
C VAL A 205 -18.15 -3.97 -8.08
N GLY A 206 -17.08 -3.44 -7.51
CA GLY A 206 -17.20 -2.26 -6.67
C GLY A 206 -17.37 -2.55 -5.19
N GLY A 207 -16.80 -1.71 -4.34
CA GLY A 207 -16.91 -1.93 -2.91
C GLY A 207 -15.93 -1.14 -2.07
N LEU A 208 -15.03 -0.40 -2.70
CA LEU A 208 -14.08 0.39 -1.93
C LEU A 208 -14.65 1.78 -1.67
N TYR A 209 -14.57 2.23 -0.41
CA TYR A 209 -14.99 3.56 -0.01
C TYR A 209 -13.82 4.27 0.62
N ILE A 210 -13.61 5.54 0.23
CA ILE A 210 -12.53 6.34 0.79
C ILE A 210 -13.14 7.56 1.45
N ARG A 211 -12.44 8.10 2.44
CA ARG A 211 -12.90 9.29 3.15
C ARG A 211 -12.09 10.49 2.71
N PRO A 212 -12.72 11.55 2.21
CA PRO A 212 -11.98 12.75 1.79
C PRO A 212 -11.55 13.57 2.99
N PRO A 213 -10.68 14.56 2.80
CA PRO A 213 -10.37 15.47 3.91
C PRO A 213 -11.62 16.23 4.33
N VAL A 214 -11.77 16.37 5.64
CA VAL A 214 -12.91 17.05 6.27
C VAL A 214 -12.32 18.19 7.08
N GLU A 215 -12.82 19.40 6.85
CA GLU A 215 -12.29 20.58 7.54
C GLU A 215 -12.42 20.42 9.06
N GLY A 216 -11.28 20.55 9.76
CA GLY A 216 -11.25 20.54 11.21
C GLY A 216 -11.40 19.19 11.86
N GLU A 217 -11.37 18.10 11.09
CA GLU A 217 -11.48 16.76 11.63
C GLU A 217 -10.08 16.23 11.93
N LYS A 218 -9.88 15.72 13.15
CA LYS A 218 -8.56 15.23 13.54
C LYS A 218 -8.29 13.88 12.89
N ARG A 219 -7.12 13.76 12.25
CA ARG A 219 -6.68 12.51 11.65
C ARG A 219 -5.55 11.94 12.49
N ASN A 220 -5.75 10.74 13.03
CA ASN A 220 -4.73 10.08 13.82
C ASN A 220 -3.45 9.89 13.01
N ARG A 221 -2.32 9.98 13.69
CA ARG A 221 -1.02 9.74 13.06
C ARG A 221 -0.73 8.26 13.24
N ASN A 222 -1.11 7.46 12.24
CA ASN A 222 -1.02 6.01 12.35
C ASN A 222 0.40 5.50 12.65
N TRP A 223 1.42 6.33 12.50
CA TRP A 223 2.77 5.91 12.88
C TRP A 223 3.03 6.02 14.36
N LEU A 224 2.20 6.74 15.11
CA LEU A 224 2.40 6.70 16.54
C LEU A 224 1.58 5.58 17.15
N PRO A 225 2.11 4.92 18.18
CA PRO A 225 1.28 3.99 18.96
C PRO A 225 0.32 4.78 19.83
N GLY A 226 -0.92 4.30 19.90
CA GLY A 226 -1.93 5.12 20.54
C GLY A 226 -2.49 6.21 19.66
N GLU A 227 -2.19 6.19 18.37
CA GLU A 227 -2.89 7.02 17.41
C GLU A 227 -3.14 6.21 16.14
N SER A 228 -3.58 4.98 16.33
CA SER A 228 -3.86 4.13 15.18
C SER A 228 -5.09 4.64 14.45
N SER A 229 -4.96 4.74 13.12
CA SER A 229 -6.07 5.09 12.26
C SER A 229 -7.01 3.92 12.01
N ALA A 230 -6.59 2.71 12.39
CA ALA A 230 -7.42 1.51 12.22
C ALA A 230 -8.75 1.70 12.94
N GLY A 231 -9.83 1.73 12.16
CA GLY A 231 -11.18 1.79 12.68
C GLY A 231 -11.74 3.19 12.82
N MET A 232 -10.94 4.22 12.58
CA MET A 232 -11.39 5.59 12.80
C MET A 232 -12.40 6.01 11.73
N PHE A 233 -13.55 6.54 12.17
CA PHE A 233 -14.59 7.13 11.33
C PHE A 233 -15.34 6.10 10.49
N GLU A 234 -15.21 4.81 10.82
CA GLU A 234 -15.81 3.76 10.01
C GLU A 234 -17.31 3.97 9.80
N HIS A 235 -18.01 4.41 10.84
CA HIS A 235 -19.45 4.60 10.75
C HIS A 235 -19.88 6.05 10.82
N ASP A 236 -18.94 6.97 10.59
CA ASP A 236 -19.25 8.38 10.41
C ASP A 236 -19.03 8.73 8.94
N GLU A 237 -19.98 9.49 8.38
CA GLU A 237 -19.83 10.06 7.04
C GLU A 237 -18.81 11.19 7.05
N PRO A 238 -18.36 11.68 5.88
CA PRO A 238 -18.59 11.22 4.50
C PRO A 238 -17.66 10.08 4.07
N TRP A 239 -18.14 9.32 3.08
CA TRP A 239 -17.36 8.22 2.52
C TRP A 239 -17.72 8.17 1.03
N THR A 240 -16.72 8.41 0.18
CA THR A 240 -16.91 8.38 -1.26
C THR A 240 -16.81 6.95 -1.76
N PHE A 241 -17.76 6.55 -2.60
CA PHE A 241 -17.68 5.28 -3.31
C PHE A 241 -16.78 5.41 -4.55
N VAL A 242 -15.77 4.56 -4.66
CA VAL A 242 -14.85 4.61 -5.80
C VAL A 242 -15.45 3.73 -6.90
N THR A 243 -16.16 4.38 -7.82
CA THR A 243 -16.85 3.69 -8.90
C THR A 243 -15.89 2.96 -9.80
N PRO A 244 -16.11 1.67 -10.08
CA PRO A 244 -15.25 0.97 -11.04
C PRO A 244 -15.32 1.64 -12.41
N THR A 245 -14.15 1.98 -12.93
CA THR A 245 -14.00 2.73 -14.18
C THR A 245 -12.92 2.06 -14.98
N PRO A 246 -13.19 1.62 -16.20
CA PRO A 246 -12.15 0.93 -16.98
C PRO A 246 -11.01 1.90 -17.33
N GLY A 247 -9.80 1.38 -17.34
CA GLY A 247 -8.68 2.15 -17.84
C GLY A 247 -8.09 3.14 -16.86
N VAL A 248 -8.34 2.97 -15.55
CA VAL A 248 -7.73 3.83 -14.55
C VAL A 248 -7.13 2.99 -13.43
N TRP A 249 -6.13 3.58 -12.77
CA TRP A 249 -5.73 3.25 -11.42
C TRP A 249 -6.10 4.42 -10.51
N THR A 250 -6.36 4.14 -9.24
CA THR A 250 -6.55 5.22 -8.27
C THR A 250 -5.25 5.45 -7.49
N VAL A 251 -5.08 6.67 -6.98
CA VAL A 251 -3.92 7.03 -6.19
C VAL A 251 -4.38 7.89 -5.02
N PHE A 252 -3.96 7.53 -3.81
CA PHE A 252 -4.13 8.42 -2.66
C PHE A 252 -2.89 8.34 -1.76
N PRO A 253 -2.71 9.34 -0.89
CA PRO A 253 -1.51 9.36 -0.04
C PRO A 253 -1.54 8.31 1.06
N GLY A 254 -0.35 7.86 1.46
CA GLY A 254 -0.18 7.00 2.60
C GLY A 254 0.41 7.74 3.79
N ASP A 255 0.74 6.96 4.82
CA ASP A 255 1.13 7.55 6.10
C ASP A 255 2.38 8.42 5.97
N ILE A 256 3.37 8.00 5.18
CA ILE A 256 4.61 8.78 5.11
C ILE A 256 4.31 10.17 4.54
N LEU A 257 3.56 10.24 3.43
CA LEU A 257 3.22 11.52 2.83
C LEU A 257 2.54 12.44 3.82
N GLN A 258 1.57 11.92 4.59
CA GLN A 258 0.92 12.76 5.59
C GLN A 258 1.92 13.29 6.63
N PHE A 259 2.82 12.43 7.10
CA PHE A 259 3.81 12.89 8.07
C PHE A 259 4.74 13.95 7.46
N MET A 260 5.29 13.65 6.27
CA MET A 260 6.34 14.50 5.73
C MET A 260 5.80 15.89 5.41
N THR A 261 4.56 15.96 4.92
CA THR A 261 3.91 17.21 4.57
C THR A 261 3.18 17.86 5.73
N GLY A 262 3.41 17.40 6.96
CA GLY A 262 2.82 17.99 8.13
C GLY A 262 1.31 18.10 8.04
N GLY A 263 0.68 17.21 7.28
CA GLY A 263 -0.76 17.19 7.17
C GLY A 263 -1.34 17.96 5.99
N GLN A 264 -0.49 18.59 5.17
CA GLN A 264 -0.99 19.18 3.93
C GLN A 264 -1.65 18.13 3.06
N LEU A 265 -1.14 16.92 3.13
CA LEU A 265 -1.75 15.76 2.51
C LEU A 265 -2.14 14.82 3.63
N LEU A 266 -3.26 14.15 3.46
CA LEU A 266 -3.77 13.23 4.46
C LEU A 266 -3.71 11.81 3.94
N SER A 267 -3.25 10.89 4.79
CA SER A 267 -3.31 9.48 4.46
C SER A 267 -4.79 9.10 4.43
N THR A 268 -5.28 8.72 3.26
CA THR A 268 -6.72 8.59 3.01
C THR A 268 -7.31 7.39 3.73
N PRO A 269 -8.26 7.57 4.63
CA PRO A 269 -8.97 6.42 5.20
C PRO A 269 -9.81 5.74 4.13
N HIS A 270 -9.81 4.41 4.15
CA HIS A 270 -10.62 3.66 3.20
C HIS A 270 -11.08 2.37 3.86
N LYS A 271 -12.12 1.79 3.28
CA LYS A 271 -12.68 0.52 3.74
C LYS A 271 -13.27 -0.19 2.52
N VAL A 272 -13.62 -1.47 2.68
CA VAL A 272 -14.24 -2.23 1.61
C VAL A 272 -15.50 -2.89 2.14
N LYS A 273 -16.56 -2.84 1.35
CA LYS A 273 -17.83 -3.45 1.70
C LYS A 273 -18.05 -4.63 0.77
N LEU A 274 -18.31 -5.80 1.36
CA LEU A 274 -18.67 -6.97 0.59
C LEU A 274 -19.84 -6.65 -0.33
N ASN A 275 -19.77 -7.16 -1.57
CA ASN A 275 -20.84 -6.99 -2.56
C ASN A 275 -21.54 -8.34 -2.80
N THR A 276 -22.55 -8.31 -3.68
CA THR A 276 -23.26 -9.55 -4.02
C THR A 276 -22.37 -10.53 -4.77
N ARG A 277 -21.31 -10.05 -5.40
CA ARG A 277 -20.36 -10.88 -6.12
C ARG A 277 -19.00 -10.76 -5.46
N GLU A 278 -18.18 -11.80 -5.61
CA GLU A 278 -16.78 -11.66 -5.27
C GLU A 278 -16.17 -10.53 -6.08
N ARG A 279 -15.14 -9.89 -5.51
CA ARG A 279 -14.59 -8.67 -6.06
C ARG A 279 -13.07 -8.78 -6.03
N PHE A 280 -12.43 -8.58 -7.17
CA PHE A 280 -10.98 -8.64 -7.27
C PHE A 280 -10.37 -7.25 -7.30
N ALA A 281 -9.30 -7.05 -6.52
CA ALA A 281 -8.57 -5.78 -6.50
C ALA A 281 -7.09 -6.06 -6.24
N CYS A 282 -6.25 -5.10 -6.65
CA CYS A 282 -4.82 -5.09 -6.31
C CYS A 282 -4.48 -3.72 -5.75
N ALA A 283 -3.85 -3.68 -4.58
CA ALA A 283 -3.41 -2.42 -3.97
C ALA A 283 -1.89 -2.41 -3.96
N TYR A 284 -1.30 -1.40 -4.59
CA TYR A 284 0.15 -1.31 -4.69
C TYR A 284 0.67 -0.20 -3.79
N PHE A 285 1.82 -0.45 -3.15
CA PHE A 285 2.34 0.45 -2.13
C PHE A 285 3.74 0.91 -2.54
N HIS A 286 3.83 2.15 -3.03
CA HIS A 286 5.10 2.78 -3.37
C HIS A 286 5.69 3.37 -2.10
N GLU A 287 6.65 2.67 -1.50
CA GLU A 287 7.19 2.92 -0.18
C GLU A 287 8.61 3.47 -0.24
N PRO A 288 9.09 4.12 0.82
CA PRO A 288 10.51 4.41 0.93
C PRO A 288 11.33 3.14 1.10
N ASN A 289 12.64 3.28 0.95
CA ASN A 289 13.56 2.22 1.28
C ASN A 289 13.38 1.81 2.74
N PHE A 290 13.68 0.53 3.02
CA PHE A 290 13.44 -0.03 4.35
C PHE A 290 14.23 0.68 5.43
N GLU A 291 15.38 1.22 5.08
CA GLU A 291 16.23 1.95 6.02
C GLU A 291 16.07 3.45 5.92
N ALA A 292 15.13 3.92 5.10
CA ALA A 292 14.92 5.35 4.95
C ALA A 292 14.17 5.89 6.16
N SER A 293 14.55 7.10 6.56
CA SER A 293 13.89 7.84 7.63
C SER A 293 13.14 9.01 7.00
N ALA A 294 11.82 8.99 7.10
CA ALA A 294 11.02 10.13 6.70
C ALA A 294 11.24 11.28 7.68
N TYR A 295 11.15 12.50 7.17
CA TYR A 295 11.38 13.71 7.95
C TYR A 295 10.31 14.74 7.59
N PRO A 296 10.00 15.66 8.51
CA PRO A 296 9.03 16.72 8.18
C PRO A 296 9.62 17.71 7.19
N LEU A 297 9.01 17.79 6.01
CA LEU A 297 9.52 18.63 4.92
C LEU A 297 9.37 20.13 5.22
N PHE A 298 8.39 20.52 6.02
CA PHE A 298 8.11 21.95 6.23
C PHE A 298 8.53 22.44 7.61
N GLU A 299 9.12 21.58 8.44
CA GLU A 299 9.65 21.94 9.75
C GLU A 299 11.05 21.37 9.86
N PRO A 300 12.06 22.07 9.35
CA PRO A 300 13.44 21.59 9.50
C PRO A 300 13.85 21.37 10.95
N SER A 301 13.47 22.29 11.84
CA SER A 301 13.88 22.23 13.25
C SER A 301 13.22 21.09 14.02
N ALA A 302 12.12 20.54 13.48
CA ALA A 302 11.43 19.44 14.14
C ALA A 302 12.28 18.16 14.08
N ASN A 303 12.35 17.45 15.21
CA ASN A 303 13.17 16.24 15.31
C ASN A 303 12.43 14.95 14.98
N GLU A 304 11.11 15.00 14.79
CA GLU A 304 10.33 13.80 14.45
C GLU A 304 10.92 13.10 13.23
N ARG A 305 11.09 11.77 13.32
CA ARG A 305 11.47 10.97 12.18
C ARG A 305 10.66 9.68 12.18
N ILE A 306 10.37 9.15 10.99
CA ILE A 306 9.76 7.84 10.86
C ILE A 306 10.74 6.96 10.11
N HIS A 307 11.38 6.03 10.82
CA HIS A 307 12.17 5.01 10.18
C HIS A 307 11.19 4.09 9.46
N TYR A 308 11.18 4.08 8.12
CA TYR A 308 10.08 3.43 7.44
C TYR A 308 10.01 1.92 7.72
N GLY A 309 11.16 1.24 7.76
CA GLY A 309 11.13 -0.21 7.96
C GLY A 309 10.59 -0.62 9.32
N GLU A 310 10.85 0.21 10.33
CA GLU A 310 10.25 -0.03 11.64
C GLU A 310 8.74 0.15 11.60
N HIS A 311 8.25 1.11 10.80
CA HIS A 311 6.81 1.32 10.67
C HIS A 311 6.15 0.15 9.95
N PHE A 312 6.77 -0.33 8.86
CA PHE A 312 6.25 -1.47 8.13
C PHE A 312 6.14 -2.70 9.03
N THR A 313 7.23 -3.01 9.76
CA THR A 313 7.27 -4.19 10.62
C THR A 313 6.23 -4.10 11.73
N ASN A 314 6.17 -2.95 12.40
CA ASN A 314 5.13 -2.74 13.41
C ASN A 314 3.74 -2.99 12.82
N MET A 315 3.46 -2.35 11.69
CA MET A 315 2.16 -2.51 11.05
C MET A 315 1.87 -3.98 10.76
N PHE A 316 2.84 -4.68 10.15
CA PHE A 316 2.57 -6.05 9.75
C PHE A 316 2.55 -7.03 10.92
N MET A 317 3.17 -6.72 12.06
CA MET A 317 2.92 -7.55 13.24
C MET A 317 1.51 -7.33 13.81
N ARG A 318 1.01 -6.09 13.78
CA ARG A 318 -0.32 -5.88 14.33
C ARG A 318 -1.41 -6.43 13.40
N CYS A 319 -1.15 -6.50 12.09
CA CYS A 319 -2.11 -7.15 11.20
C CYS A 319 -2.16 -8.66 11.45
N TYR A 320 -0.99 -9.29 11.59
CA TYR A 320 -0.84 -10.75 11.61
C TYR A 320 -0.14 -11.19 12.90
N PRO A 321 -0.82 -11.08 14.04
CA PRO A 321 -0.15 -11.39 15.32
C PRO A 321 0.20 -12.86 15.48
N ASP A 322 -0.52 -13.77 14.82
CA ASP A 322 -0.28 -15.20 14.99
C ASP A 322 0.43 -15.84 13.82
N ARG A 323 0.81 -15.06 12.81
CA ARG A 323 1.47 -15.60 11.64
C ARG A 323 2.89 -16.03 12.00
N ILE A 324 3.40 -17.03 11.27
CA ILE A 324 4.74 -17.56 11.57
C ILE A 324 5.82 -16.52 11.35
N THR A 325 5.65 -15.63 10.35
CA THR A 325 6.54 -14.47 10.26
C THR A 325 6.66 -13.76 11.60
N THR A 326 5.52 -13.40 12.20
CA THR A 326 5.54 -12.65 13.45
C THR A 326 6.15 -13.47 14.57
N GLN A 327 5.80 -14.75 14.66
CA GLN A 327 6.38 -15.61 15.71
C GLN A 327 7.91 -15.60 15.64
N ARG A 328 8.47 -15.77 14.43
CA ARG A 328 9.93 -15.80 14.28
C ARG A 328 10.54 -14.44 14.61
N ILE A 329 9.86 -13.36 14.24
CA ILE A 329 10.30 -12.02 14.64
C ILE A 329 10.39 -11.95 16.16
N ASN A 330 9.33 -12.41 16.85
CA ASN A 330 9.35 -12.46 18.31
C ASN A 330 10.39 -13.46 18.82
N LYS A 331 10.50 -14.63 18.18
CA LYS A 331 11.35 -15.69 18.69
C LYS A 331 12.82 -15.29 18.68
N GLU A 332 13.31 -14.76 17.55
CA GLU A 332 14.67 -14.27 17.47
C GLU A 332 14.79 -12.79 17.81
N ASN A 333 13.68 -12.16 18.20
CA ASN A 333 13.58 -10.73 18.49
C ASN A 333 14.36 -9.91 17.44
N ARG A 334 13.80 -9.92 16.22
CA ARG A 334 14.42 -9.15 15.15
C ARG A 334 14.02 -7.67 15.17
N LEU A 335 13.14 -7.27 16.08
CA LEU A 335 12.97 -5.85 16.33
C LEU A 335 14.24 -5.25 16.92
N ALA A 336 15.01 -6.05 17.66
CA ALA A 336 16.30 -5.58 18.16
C ALA A 336 17.30 -5.42 17.03
N HIS A 337 17.35 -6.40 16.12
CA HIS A 337 18.23 -6.26 14.97
C HIS A 337 17.84 -5.05 14.13
N LEU A 338 16.56 -4.66 14.17
CA LEU A 338 16.12 -3.47 13.48
C LEU A 338 16.78 -2.22 14.08
N GLU A 339 16.84 -2.14 15.40
CA GLU A 339 17.54 -1.02 16.05
C GLU A 339 19.03 -1.07 15.77
N ASP A 340 19.62 -2.27 15.69
CA ASP A 340 21.02 -2.40 15.32
C ASP A 340 21.26 -1.89 13.90
N LEU A 341 20.43 -2.34 12.95
CA LEU A 341 20.62 -1.94 11.56
C LEU A 341 20.53 -0.44 11.39
N LYS A 342 19.89 0.26 12.34
CA LYS A 342 19.92 1.72 12.30
C LYS A 342 21.33 2.26 12.49
N LYS A 343 22.18 1.55 13.24
CA LYS A 343 23.46 2.10 13.68
C LYS A 343 24.69 1.38 13.15
N TYR A 344 24.58 0.12 12.72
CA TYR A 344 25.76 -0.63 12.28
C TYR A 344 25.55 -1.50 11.04
#